data_8GOH
#
_entry.id   8GOH
#
_cell.length_a   36.257
_cell.length_b   50.935
_cell.length_c   40.849
_cell.angle_alpha   90.000
_cell.angle_beta   113.840
_cell.angle_gamma   90.000
#
_symmetry.space_group_name_H-M   'P 1 21 1'
#
loop_
_entity.id
_entity.type
_entity.pdbx_description
1 polymer 'LacI C-terminal tetramerization helix'
2 non-polymer 'PENTAETHYLENE GLYCOL'
3 water water
#
_entity_poly.entity_id   1
_entity_poly.type   'polypeptide(L)'
_entity_poly.pdbx_seq_one_letter_code
;TASPRALADSLMQLAYQVSRLSS
;
_entity_poly.pdbx_strand_id   A,B,C,D,E,F,G,H
#
# COMPACT_ATOMS: atom_id res chain seq x y z
N ALA A 2 4.42 -14.07 3.12
CA ALA A 2 5.77 -14.14 3.67
C ALA A 2 5.74 -14.47 5.17
N SER A 3 6.79 -15.12 5.64
CA SER A 3 6.86 -15.59 7.02
C SER A 3 6.98 -14.41 7.99
N PRO A 4 6.57 -14.61 9.25
CA PRO A 4 6.84 -13.57 10.26
C PRO A 4 8.32 -13.17 10.32
N ARG A 5 9.23 -14.14 10.23
CA ARG A 5 10.65 -13.83 10.26
C ARG A 5 11.05 -12.95 9.08
N ALA A 6 10.57 -13.28 7.89
CA ALA A 6 10.97 -12.51 6.70
C ALA A 6 10.39 -11.10 6.75
N LEU A 7 9.13 -10.97 7.17
CA LEU A 7 8.53 -9.65 7.31
C LEU A 7 9.28 -8.83 8.36
N ALA A 8 9.64 -9.46 9.47
CA ALA A 8 10.40 -8.76 10.51
C ALA A 8 11.75 -8.30 9.99
N ASP A 9 12.45 -9.14 9.23
CA ASP A 9 13.73 -8.73 8.64
C ASP A 9 13.56 -7.50 7.75
N SER A 10 12.54 -7.53 6.89
CA SER A 10 12.28 -6.38 6.01
C SER A 10 11.97 -5.12 6.80
N LEU A 11 11.16 -5.25 7.86
CA LEU A 11 10.83 -4.10 8.69
C LEU A 11 12.07 -3.55 9.39
N MET A 12 12.94 -4.44 9.88
CA MET A 12 14.18 -3.98 10.50
C MET A 12 15.04 -3.20 9.51
N GLN A 13 15.19 -3.72 8.29
CA GLN A 13 15.96 -3.02 7.27
C GLN A 13 15.39 -1.64 7.01
N LEU A 14 14.05 -1.53 6.93
CA LEU A 14 13.42 -0.25 6.70
C LEU A 14 13.65 0.71 7.87
N ALA A 15 13.65 0.18 9.09
CA ALA A 15 13.88 1.03 10.25
C ALA A 15 15.26 1.65 10.23
N TYR A 16 16.28 0.87 9.86
CA TYR A 16 17.61 1.45 9.75
C TYR A 16 17.61 2.61 8.76
N GLN A 17 16.93 2.45 7.62
CA GLN A 17 16.88 3.52 6.63
C GLN A 17 16.12 4.74 7.15
N VAL A 18 14.98 4.50 7.83
CA VAL A 18 14.20 5.62 8.35
C VAL A 18 15.03 6.47 9.29
N SER A 19 15.92 5.82 10.07
CA SER A 19 16.72 6.55 11.04
C SER A 19 17.68 7.54 10.40
N ARG A 20 17.96 7.41 9.11
CA ARG A 20 18.85 8.33 8.38
C ARG A 20 18.10 9.45 7.67
N LEU A 21 16.77 9.47 7.75
CA LEU A 21 15.99 10.54 7.16
C LEU A 21 16.09 11.79 8.03
N SER A 22 15.45 12.87 7.59
CA SER A 22 15.47 14.13 8.30
CA SER A 22 15.47 14.13 8.30
C SER A 22 14.05 14.60 8.60
N SER A 23 13.92 15.40 9.64
CA SER A 23 12.65 16.01 9.98
C SER A 23 12.25 17.03 8.92
N THR B 1 20.25 5.78 0.76
CA THR B 1 19.03 5.65 1.54
C THR B 1 17.85 6.05 0.68
N ALA B 2 16.81 5.20 0.69
CA ALA B 2 15.63 5.44 -0.13
C ALA B 2 14.86 6.67 0.37
N SER B 3 14.02 7.19 -0.51
CA SER B 3 13.23 8.37 -0.22
C SER B 3 12.17 8.07 0.83
N PRO B 4 11.71 9.11 1.55
CA PRO B 4 10.57 8.92 2.46
C PRO B 4 9.37 8.26 1.79
N ARG B 5 9.05 8.67 0.56
CA ARG B 5 7.92 8.09 -0.15
C ARG B 5 8.11 6.60 -0.41
N ALA B 6 9.30 6.20 -0.87
CA ALA B 6 9.55 4.80 -1.17
C ALA B 6 9.52 3.97 0.11
N LEU B 7 10.06 4.51 1.19
CA LEU B 7 10.04 3.79 2.46
C LEU B 7 8.62 3.66 2.99
N ALA B 8 7.82 4.72 2.84
CA ALA B 8 6.42 4.68 3.29
C ALA B 8 5.62 3.67 2.48
N ASP B 9 5.81 3.66 1.15
CA ASP B 9 5.11 2.69 0.31
CA ASP B 9 5.13 2.69 0.29
C ASP B 9 5.48 1.27 0.71
N SER B 10 6.77 1.03 0.97
CA SER B 10 7.22 -0.28 1.41
C SER B 10 6.56 -0.67 2.73
N LEU B 11 6.55 0.25 3.70
CA LEU B 11 5.95 -0.02 5.00
C LEU B 11 4.46 -0.34 4.88
N MET B 12 3.74 0.41 4.02
CA MET B 12 2.32 0.13 3.80
CA MET B 12 2.32 0.12 3.83
C MET B 12 2.11 -1.29 3.29
N GLN B 13 2.90 -1.68 2.28
CA GLN B 13 2.77 -3.02 1.72
C GLN B 13 3.07 -4.09 2.76
N LEU B 14 4.08 -3.87 3.60
CA LEU B 14 4.39 -4.83 4.65
C LEU B 14 3.28 -4.88 5.69
N ALA B 15 2.67 -3.73 6.00
CA ALA B 15 1.60 -3.71 6.98
C ALA B 15 0.43 -4.58 6.55
N TYR B 16 0.06 -4.53 5.27
CA TYR B 16 -1.00 -5.38 4.76
C TYR B 16 -0.65 -6.86 4.91
N GLN B 17 0.62 -7.22 4.70
CA GLN B 17 1.02 -8.60 4.88
C GLN B 17 0.97 -9.00 6.34
N VAL B 18 1.44 -8.15 7.24
CA VAL B 18 1.43 -8.43 8.67
C VAL B 18 0.01 -8.72 9.13
N SER B 19 -0.96 -7.99 8.60
CA SER B 19 -2.34 -8.16 9.05
C SER B 19 -2.88 -9.56 8.78
N ARG B 20 -2.28 -10.30 7.85
CA ARG B 20 -2.71 -11.65 7.50
CA ARG B 20 -2.75 -11.64 7.53
C ARG B 20 -2.03 -12.73 8.33
N LEU B 21 -1.12 -12.35 9.22
CA LEU B 21 -0.50 -13.30 10.13
C LEU B 21 -1.48 -13.63 11.26
N SER B 22 -1.07 -14.54 12.14
CA SER B 22 -1.88 -14.93 13.28
C SER B 22 -1.07 -14.78 14.55
N SER B 23 -1.77 -14.77 15.68
CA SER B 23 -1.09 -14.75 16.98
CA SER B 23 -1.12 -14.75 16.99
C SER B 23 -0.51 -16.12 17.30
N SER C 3 -1.50 -8.30 18.74
CA SER C 3 -2.18 -8.96 17.64
C SER C 3 -1.68 -8.49 16.29
N PRO C 4 -1.77 -9.37 15.28
CA PRO C 4 -1.42 -8.93 13.91
C PRO C 4 -2.13 -7.66 13.45
N ARG C 5 -3.41 -7.53 13.78
CA ARG C 5 -4.15 -6.35 13.36
C ARG C 5 -3.66 -5.10 14.09
N ALA C 6 -3.34 -5.21 15.37
CA ALA C 6 -2.83 -4.05 16.10
C ALA C 6 -1.48 -3.61 15.56
N LEU C 7 -0.62 -4.58 15.24
CA LEU C 7 0.68 -4.26 14.69
C LEU C 7 0.56 -3.66 13.29
N ALA C 8 -0.36 -4.20 12.49
CA ALA C 8 -0.58 -3.63 11.15
C ALA C 8 -1.09 -2.19 11.23
N ASP C 9 -2.03 -1.93 12.15
CA ASP C 9 -2.53 -0.56 12.33
C ASP C 9 -1.37 0.38 12.66
N SER C 10 -0.52 -0.03 13.60
CA SER C 10 0.61 0.80 13.99
C SER C 10 1.55 1.04 12.82
N LEU C 11 1.83 -0.01 12.04
CA LEU C 11 2.70 0.14 10.88
C LEU C 11 2.11 1.08 9.85
N MET C 12 0.80 1.04 9.65
CA MET C 12 0.17 1.95 8.69
CA MET C 12 0.17 1.95 8.69
C MET C 12 0.29 3.39 9.15
N GLN C 13 0.06 3.64 10.43
CA GLN C 13 0.21 4.99 10.95
C GLN C 13 1.64 5.47 10.78
N LEU C 14 2.61 4.59 11.04
CA LEU C 14 4.01 4.98 10.90
C LEU C 14 4.36 5.23 9.44
N ALA C 15 3.77 4.47 8.52
CA ALA C 15 4.02 4.70 7.10
C ALA C 15 3.63 6.11 6.70
N TYR C 16 2.46 6.58 7.16
CA TYR C 16 2.05 7.94 6.81
C TYR C 16 2.97 8.97 7.45
N GLN C 17 3.43 8.72 8.68
CA GLN C 17 4.36 9.65 9.31
C GLN C 17 5.70 9.69 8.56
N VAL C 18 6.20 8.51 8.15
CA VAL C 18 7.45 8.45 7.41
C VAL C 18 7.33 9.23 6.10
N SER C 19 6.17 9.15 5.46
CA SER C 19 5.97 9.83 4.19
C SER C 19 6.11 11.34 4.30
N ARG C 20 6.02 11.90 5.51
CA ARG C 20 6.10 13.34 5.73
C ARG C 20 7.49 13.80 6.12
N LEU C 21 8.43 12.87 6.25
CA LEU C 21 9.83 13.20 6.51
C LEU C 21 10.51 13.67 5.22
N SER C 22 11.79 14.03 5.33
CA SER C 22 12.59 14.47 4.19
CA SER C 22 12.59 14.47 4.19
C SER C 22 13.86 13.64 4.13
N SER C 23 14.54 13.69 2.98
CA SER C 23 15.82 13.01 2.86
CA SER C 23 15.83 13.05 2.81
C SER C 23 16.87 13.70 3.71
N SER D 3 10.45 12.57 15.23
CA SER D 3 11.78 12.55 14.66
C SER D 3 12.05 11.23 13.95
N PRO D 4 12.93 11.26 12.93
CA PRO D 4 13.29 10.02 12.24
C PRO D 4 13.79 8.93 13.17
N ARG D 5 14.58 9.32 14.18
CA ARG D 5 15.07 8.34 15.15
C ARG D 5 13.92 7.72 15.93
N ALA D 6 12.98 8.54 16.41
CA ALA D 6 11.87 8.02 17.18
C ALA D 6 11.01 7.08 16.35
N LEU D 7 10.75 7.45 15.10
CA LEU D 7 9.96 6.59 14.23
C LEU D 7 10.69 5.29 13.97
N ALA D 8 12.01 5.36 13.76
CA ALA D 8 12.79 4.15 13.49
C ALA D 8 12.83 3.23 14.71
N ASP D 9 12.95 3.80 15.91
CA ASP D 9 12.93 2.96 17.11
C ASP D 9 11.58 2.27 17.26
N SER D 10 10.49 2.98 16.99
CA SER D 10 9.17 2.38 17.01
C SER D 10 9.07 1.23 16.01
N LEU D 11 9.57 1.46 14.79
CA LEU D 11 9.55 0.42 13.77
C LEU D 11 10.34 -0.81 14.17
N MET D 12 11.50 -0.61 14.82
CA MET D 12 12.28 -1.75 15.27
C MET D 12 11.55 -2.56 16.33
N GLN D 13 10.87 -1.88 17.25
CA GLN D 13 10.05 -2.59 18.24
C GLN D 13 8.95 -3.39 17.56
N LEU D 14 8.28 -2.77 16.58
CA LEU D 14 7.20 -3.47 15.88
C LEU D 14 7.74 -4.64 15.08
N ALA D 15 8.90 -4.49 14.46
CA ALA D 15 9.50 -5.59 13.71
C ALA D 15 9.76 -6.79 14.61
N TYR D 16 10.27 -6.55 15.81
CA TYR D 16 10.48 -7.66 16.73
C TYR D 16 9.17 -8.33 17.10
N GLN D 17 8.11 -7.55 17.34
CA GLN D 17 6.82 -8.16 17.67
C GLN D 17 6.28 -8.98 16.50
N VAL D 18 6.46 -8.50 15.28
CA VAL D 18 6.04 -9.25 14.10
C VAL D 18 6.74 -10.60 14.05
N SER D 19 8.03 -10.64 14.40
CA SER D 19 8.78 -11.89 14.35
C SER D 19 8.23 -12.95 15.28
N ARG D 20 7.44 -12.57 16.28
CA ARG D 20 6.88 -13.51 17.24
C ARG D 20 5.47 -13.95 16.86
N LEU D 21 4.94 -13.47 15.74
CA LEU D 21 3.66 -13.92 15.23
C LEU D 21 3.82 -15.26 14.52
N SER D 22 2.70 -15.80 14.07
CA SER D 22 2.67 -17.07 13.38
CA SER D 22 2.64 -17.08 13.39
C SER D 22 2.19 -16.89 11.95
N SER D 23 2.62 -17.79 11.08
CA SER D 23 2.12 -17.84 9.71
C SER D 23 0.65 -18.23 9.73
N ALA E 2 -10.28 -13.02 -15.26
CA ALA E 2 -8.92 -12.99 -14.75
C ALA E 2 -8.90 -13.28 -13.25
N SER E 3 -7.76 -13.75 -12.79
CA SER E 3 -7.60 -14.16 -11.40
C SER E 3 -7.42 -12.96 -10.48
N PRO E 4 -7.71 -13.13 -9.19
CA PRO E 4 -7.42 -12.05 -8.23
C PRO E 4 -5.97 -11.60 -8.30
N ARG E 5 -5.02 -12.52 -8.45
CA ARG E 5 -3.61 -12.13 -8.51
C ARG E 5 -3.32 -11.28 -9.73
N ALA E 6 -3.82 -11.68 -10.90
CA ALA E 6 -3.57 -10.92 -12.13
C ALA E 6 -4.19 -9.53 -12.04
N LEU E 7 -5.40 -9.45 -11.48
CA LEU E 7 -6.06 -8.15 -11.34
C LEU E 7 -5.33 -7.27 -10.34
N ALA E 8 -4.87 -7.85 -9.22
CA ALA E 8 -4.15 -7.06 -8.24
C ALA E 8 -2.82 -6.57 -8.80
N ASP E 9 -2.12 -7.42 -9.56
CA ASP E 9 -0.86 -7.00 -10.18
C ASP E 9 -1.10 -5.84 -11.14
N SER E 10 -2.14 -5.94 -11.96
CA SER E 10 -2.48 -4.87 -12.89
C SER E 10 -2.79 -3.59 -12.15
N LEU E 11 -3.55 -3.70 -11.06
CA LEU E 11 -3.89 -2.52 -10.27
C LEU E 11 -2.66 -1.88 -9.67
N MET E 12 -1.71 -2.69 -9.18
CA MET E 12 -0.48 -2.14 -8.62
CA MET E 12 -0.48 -2.14 -8.62
C MET E 12 0.31 -1.38 -9.67
N GLN E 13 0.41 -1.95 -10.88
CA GLN E 13 1.11 -1.27 -11.97
C GLN E 13 0.42 0.06 -12.29
N LEU E 14 -0.91 0.06 -12.30
CA LEU E 14 -1.65 1.30 -12.57
C LEU E 14 -1.43 2.32 -11.46
N ALA E 15 -1.33 1.88 -10.21
CA ALA E 15 -1.10 2.81 -9.10
C ALA E 15 0.20 3.56 -9.31
N TYR E 16 1.26 2.86 -9.67
CA TYR E 16 2.53 3.54 -9.92
C TYR E 16 2.40 4.54 -11.06
N GLN E 17 1.69 4.17 -12.13
CA GLN E 17 1.48 5.12 -13.23
C GLN E 17 0.67 6.33 -12.81
N VAL E 18 -0.41 6.12 -12.04
CA VAL E 18 -1.25 7.23 -11.58
C VAL E 18 -0.42 8.20 -10.73
N SER E 19 0.50 7.66 -9.93
CA SER E 19 1.32 8.49 -9.05
C SER E 19 2.20 9.47 -9.82
N ARG E 20 2.43 9.24 -11.10
CA ARG E 20 3.28 10.09 -11.92
C ARG E 20 2.51 11.17 -12.66
N LEU E 21 1.18 11.15 -12.56
CA LEU E 21 0.35 12.20 -13.15
C LEU E 21 0.43 13.47 -12.29
N SER E 22 -0.24 14.52 -12.76
CA SER E 22 -0.23 15.81 -12.09
C SER E 22 -1.67 16.28 -11.89
N SER E 23 -1.84 17.17 -10.91
CA SER E 23 -3.13 17.81 -10.69
C SER E 23 -3.36 18.89 -11.73
N ALA F 2 1.58 7.38 -19.47
CA ALA F 2 0.40 7.24 -20.32
C ALA F 2 -0.66 8.29 -20.00
N SER F 3 -1.75 8.24 -20.74
CA SER F 3 -2.78 9.26 -20.64
C SER F 3 -3.68 9.00 -19.43
N PRO F 4 -4.10 10.05 -18.72
CA PRO F 4 -5.05 9.83 -17.62
C PRO F 4 -6.34 9.18 -18.07
N ARG F 5 -6.82 9.51 -19.27
CA ARG F 5 -8.02 8.87 -19.80
C ARG F 5 -7.79 7.40 -20.08
N ALA F 6 -6.62 7.04 -20.62
CA ALA F 6 -6.32 5.64 -20.88
C ALA F 6 -6.21 4.85 -19.58
N LEU F 7 -5.52 5.42 -18.59
CA LEU F 7 -5.45 4.77 -17.28
C LEU F 7 -6.82 4.60 -16.66
N ALA F 8 -7.67 5.62 -16.78
CA ALA F 8 -9.02 5.53 -16.23
C ALA F 8 -9.83 4.45 -16.92
N ASP F 9 -9.74 4.34 -18.25
CA ASP F 9 -10.43 3.27 -18.97
C ASP F 9 -9.95 1.89 -18.51
N SER F 10 -8.63 1.72 -18.37
CA SER F 10 -8.09 0.46 -17.86
C SER F 10 -8.64 0.15 -16.47
N LEU F 11 -8.66 1.16 -15.60
CA LEU F 11 -9.17 0.95 -14.25
C LEU F 11 -10.63 0.54 -14.25
N MET F 12 -11.43 1.12 -15.17
CA MET F 12 -12.84 0.76 -15.22
CA MET F 12 -12.85 0.77 -15.22
C MET F 12 -13.03 -0.68 -15.65
N GLN F 13 -12.23 -1.15 -16.63
CA GLN F 13 -12.30 -2.55 -17.01
C GLN F 13 -11.84 -3.47 -15.88
N LEU F 14 -10.79 -3.08 -15.16
CA LEU F 14 -10.36 -3.89 -14.03
C LEU F 14 -11.43 -3.95 -12.95
N ALA F 15 -12.07 -2.81 -12.67
CA ALA F 15 -13.12 -2.78 -11.67
C ALA F 15 -14.25 -3.72 -12.02
N TYR F 16 -14.64 -3.76 -13.29
CA TYR F 16 -15.68 -4.68 -13.70
C TYR F 16 -15.28 -6.12 -13.44
N GLN F 17 -14.03 -6.46 -13.74
CA GLN F 17 -13.60 -7.83 -13.49
C GLN F 17 -13.55 -8.15 -12.00
N VAL F 18 -13.10 -7.20 -11.19
CA VAL F 18 -13.08 -7.40 -9.73
C VAL F 18 -14.49 -7.69 -9.21
N SER F 19 -15.50 -7.04 -9.80
CA SER F 19 -16.88 -7.21 -9.34
C SER F 19 -17.39 -8.64 -9.53
N ARG F 20 -16.72 -9.44 -10.34
CA ARG F 20 -17.11 -10.83 -10.61
C ARG F 20 -16.36 -11.84 -9.76
N LEU F 21 -15.44 -11.41 -8.92
CA LEU F 21 -14.70 -12.31 -8.06
C LEU F 21 -15.55 -12.70 -6.86
N SER F 22 -15.02 -13.64 -6.08
CA SER F 22 -15.71 -14.15 -4.90
C SER F 22 -14.94 -13.73 -3.66
N SER F 23 -15.65 -13.65 -2.54
CA SER F 23 -14.99 -13.38 -1.26
C SER F 23 -13.97 -14.46 -0.97
N SER G 3 -15.92 -7.63 0.17
CA SER G 3 -16.96 -7.46 -0.82
C SER G 3 -16.37 -7.12 -2.18
N PRO G 4 -16.30 -8.10 -3.09
CA PRO G 4 -15.89 -7.77 -4.47
C PRO G 4 -16.64 -6.59 -5.06
N ARG G 5 -17.94 -6.51 -4.77
CA ARG G 5 -18.72 -5.41 -5.32
CA ARG G 5 -18.77 -5.42 -5.28
C ARG G 5 -18.31 -4.07 -4.71
N ALA G 6 -18.02 -4.02 -3.41
CA ALA G 6 -17.62 -2.77 -2.81
C ALA G 6 -16.24 -2.35 -3.29
N LEU G 7 -15.33 -3.31 -3.45
CA LEU G 7 -14.01 -2.98 -4.00
C LEU G 7 -14.14 -2.47 -5.42
N ALA G 8 -14.99 -3.11 -6.22
CA ALA G 8 -15.21 -2.65 -7.59
C ALA G 8 -15.80 -1.23 -7.61
N ASP G 9 -16.74 -0.95 -6.69
CA ASP G 9 -17.31 0.40 -6.60
C ASP G 9 -16.23 1.42 -6.33
N SER G 10 -15.33 1.12 -5.38
CA SER G 10 -14.27 2.06 -5.07
C SER G 10 -13.35 2.28 -6.26
N LEU G 11 -13.03 1.19 -6.97
CA LEU G 11 -12.18 1.31 -8.15
C LEU G 11 -12.86 2.14 -9.23
N MET G 12 -14.17 1.97 -9.40
CA MET G 12 -14.91 2.76 -10.39
CA MET G 12 -14.91 2.76 -10.39
C MET G 12 -14.85 4.24 -10.06
N GLN G 13 -15.07 4.58 -8.79
CA GLN G 13 -15.01 5.98 -8.37
C GLN G 13 -13.61 6.55 -8.61
N LEU G 14 -12.58 5.77 -8.31
CA LEU G 14 -11.21 6.21 -8.54
C LEU G 14 -10.94 6.42 -10.02
N ALA G 15 -11.50 5.58 -10.88
CA ALA G 15 -11.32 5.76 -12.31
C ALA G 15 -11.84 7.10 -12.80
N TYR G 16 -13.02 7.52 -12.32
CA TYR G 16 -13.52 8.85 -12.68
C TYR G 16 -12.57 9.95 -12.24
N GLN G 17 -12.00 9.83 -11.04
CA GLN G 17 -11.06 10.84 -10.57
C GLN G 17 -9.78 10.85 -11.41
N VAL G 18 -9.22 9.67 -11.68
CA VAL G 18 -7.99 9.57 -12.48
C VAL G 18 -8.17 10.24 -13.83
N SER G 19 -9.36 10.11 -14.43
CA SER G 19 -9.62 10.69 -15.73
C SER G 19 -9.52 12.22 -15.72
N ARG G 20 -9.54 12.84 -14.55
CA ARG G 20 -9.51 14.29 -14.42
C ARG G 20 -8.13 14.84 -14.08
N LEU G 21 -7.12 13.99 -14.01
CA LEU G 21 -5.75 14.42 -13.80
C LEU G 21 -5.12 14.83 -15.13
N SER G 22 -3.85 15.25 -15.08
CA SER G 22 -3.08 15.64 -16.27
C SER G 22 -1.78 14.85 -16.34
N SER G 23 -1.34 14.60 -17.56
CA SER G 23 0.02 14.09 -17.79
C SER G 23 1.02 15.23 -17.63
N THR H 1 -10.69 17.18 -7.20
CA THR H 1 -10.09 15.89 -7.51
C THR H 1 -8.98 15.61 -6.53
N ALA H 2 -8.90 14.39 -6.03
CA ALA H 2 -7.81 14.01 -5.14
C ALA H 2 -6.47 14.07 -5.88
N SER H 3 -5.41 14.24 -5.11
CA SER H 3 -4.08 14.32 -5.70
C SER H 3 -3.66 12.99 -6.31
N PRO H 4 -2.77 13.02 -7.31
CA PRO H 4 -2.19 11.76 -7.81
C PRO H 4 -1.63 10.88 -6.71
N ARG H 5 -0.99 11.48 -5.70
CA ARG H 5 -0.40 10.70 -4.61
C ARG H 5 -1.48 9.96 -3.83
N ALA H 6 -2.57 10.66 -3.50
CA ALA H 6 -3.65 10.05 -2.73
C ALA H 6 -4.37 8.98 -3.55
N LEU H 7 -4.58 9.23 -4.84
CA LEU H 7 -5.21 8.22 -5.69
C LEU H 7 -4.34 6.98 -5.84
N ALA H 8 -3.01 7.17 -5.98
CA ALA H 8 -2.11 6.03 -6.08
C ALA H 8 -2.09 5.22 -4.80
N ASP H 9 -2.09 5.89 -3.64
CA ASP H 9 -2.16 5.19 -2.36
C ASP H 9 -3.44 4.38 -2.25
N SER H 10 -4.57 4.98 -2.60
CA SER H 10 -5.84 4.27 -2.59
C SER H 10 -5.79 3.03 -3.48
N LEU H 11 -5.24 3.18 -4.70
CA LEU H 11 -5.21 2.07 -5.63
C LEU H 11 -4.32 0.94 -5.14
N MET H 12 -3.15 1.28 -4.56
CA MET H 12 -2.25 0.27 -4.00
C MET H 12 -2.97 -0.53 -2.91
N GLN H 13 -3.62 0.17 -1.99
CA GLN H 13 -4.31 -0.51 -0.90
C GLN H 13 -5.44 -1.38 -1.42
N LEU H 14 -6.18 -0.90 -2.42
CA LEU H 14 -7.23 -1.73 -3.02
C LEU H 14 -6.66 -2.94 -3.72
N ALA H 15 -5.51 -2.79 -4.38
CA ALA H 15 -4.87 -3.92 -5.04
C ALA H 15 -4.55 -5.02 -4.03
N TYR H 16 -4.04 -4.64 -2.86
CA TYR H 16 -3.75 -5.65 -1.85
C TYR H 16 -5.02 -6.36 -1.40
N GLN H 17 -6.12 -5.63 -1.30
CA GLN H 17 -7.37 -6.27 -0.91
C GLN H 17 -7.90 -7.19 -2.01
N VAL H 18 -7.80 -6.76 -3.28
CA VAL H 18 -8.24 -7.61 -4.39
C VAL H 18 -7.46 -8.91 -4.40
N SER H 19 -6.17 -8.87 -4.06
CA SER H 19 -5.36 -10.09 -4.12
C SER H 19 -5.83 -11.17 -3.15
N ARG H 20 -6.64 -10.81 -2.15
CA ARG H 20 -7.13 -11.78 -1.18
C ARG H 20 -8.44 -12.44 -1.61
N LEU H 21 -9.06 -11.97 -2.68
CA LEU H 21 -10.31 -12.52 -3.16
C LEU H 21 -10.07 -13.86 -3.83
N SER H 22 -11.16 -14.48 -4.28
CA SER H 22 -11.09 -15.82 -4.87
C SER H 22 -11.66 -15.83 -6.28
#